data_1ORN
#
_entry.id   1ORN
#
_cell.length_a   67.826
_cell.length_b   106.828
_cell.length_c   41.708
_cell.angle_alpha   90.00
_cell.angle_beta   90.00
_cell.angle_gamma   90.00
#
_symmetry.space_group_name_H-M   'P 21 21 2'
#
loop_
_entity.id
_entity.type
_entity.pdbx_description
1 polymer "5'-D(*AP*AP*GP*AP*CP*GP*TP*GP*GP*AP*C)-3'"
2 polymer "5'-D(*T*GP*TP*CP*CP*AP*(PED)P*GP*TP*CP*T)-3'"
3 polymer 'Endonuclease III'
4 non-polymer 2-AMINO-2-HYDROXYMETHYL-PROPANE-1,3-DIOL
5 non-polymer 'SODIUM ION'
6 non-polymer 'IRON/SULFUR CLUSTER'
7 water water
#
loop_
_entity_poly.entity_id
_entity_poly.type
_entity_poly.pdbx_seq_one_letter_code
_entity_poly.pdbx_strand_id
1 'polydeoxyribonucleotide' (DA)(DA)(DG)(DA)(DC)(DG)(DT)(DG)(DG)(DA)(DC) B
2 'polydeoxyribonucleotide' (DT)(DG)(DT)(DC)(DC)(DA)(PED)(DG)(DT)(DC)(DT) C
3 'polypeptide(L)'
;GSHMLTKQQIRYCLDEMAKMFPDAHCELVHRNPFELLIAVVLSAQCTDALVNKVTKRLFEKYRTPHDYIAVPLEELEQDI
RSIGLYRNKARNIQKLCAMLIDKYNGEVPRDRDELMKLPGVGRKTANVVVSVAFGVPAIAVDTHVERVSKRLGFCRWDDS
VLEVEKTLMKIIPKEEWSITHHRMIFFGRYHCKAQSPQCPSCPLLHLCREGKKRMRKREEKAANQK
;
A
#
# COMPACT_ATOMS: atom_id res chain seq x y z
N MET C 4 11.58 14.39 -17.49
CA MET C 4 11.67 13.23 -16.55
C MET C 4 13.12 12.78 -16.39
N LEU C 5 13.43 12.21 -15.22
CA LEU C 5 14.78 11.75 -14.94
C LEU C 5 15.20 10.62 -15.88
N THR C 6 16.50 10.39 -15.98
CA THR C 6 17.02 9.31 -16.81
C THR C 6 16.95 8.06 -15.96
N LYS C 7 17.04 6.89 -16.58
CA LYS C 7 16.99 5.64 -15.83
C LYS C 7 18.08 5.63 -14.76
N GLN C 8 19.28 6.02 -15.17
CA GLN C 8 20.41 6.05 -14.25
C GLN C 8 20.13 6.91 -13.03
N GLN C 9 19.47 8.04 -13.25
CA GLN C 9 19.13 8.95 -12.15
C GLN C 9 18.08 8.35 -11.22
N ILE C 10 17.07 7.74 -11.80
CA ILE C 10 16.00 7.12 -11.00
C ILE C 10 16.61 6.04 -10.11
N ARG C 11 17.54 5.26 -10.67
CA ARG C 11 18.18 4.20 -9.89
C ARG C 11 19.01 4.82 -8.77
N TYR C 12 19.52 6.02 -9.02
CA TYR C 12 20.33 6.75 -8.05
C TYR C 12 19.44 7.17 -6.89
N CYS C 13 18.23 7.63 -7.22
CA CYS C 13 17.26 8.07 -6.23
C CYS C 13 16.84 6.92 -5.33
N LEU C 14 16.57 5.77 -5.96
CA LEU C 14 16.15 4.58 -5.20
C LEU C 14 17.28 4.08 -4.32
N ASP C 15 18.51 4.18 -4.79
CA ASP C 15 19.67 3.74 -4.01
C ASP C 15 19.82 4.59 -2.75
N GLU C 16 19.48 5.87 -2.86
CA GLU C 16 19.59 6.79 -1.73
C GLU C 16 18.48 6.52 -0.71
N MET C 17 17.27 6.27 -1.20
CA MET C 17 16.14 5.98 -0.31
C MET C 17 16.47 4.76 0.51
N ALA C 18 17.22 3.83 -0.07
CA ALA C 18 17.60 2.61 0.61
C ALA C 18 18.55 2.93 1.76
N LYS C 19 19.42 3.91 1.56
CA LYS C 19 20.37 4.32 2.59
C LYS C 19 19.68 5.08 3.71
N MET C 20 18.61 5.79 3.37
CA MET C 20 17.87 6.57 4.35
C MET C 20 16.91 5.71 5.17
N PHE C 21 16.32 4.71 4.53
CA PHE C 21 15.38 3.81 5.18
C PHE C 21 15.74 2.36 4.92
N PRO C 22 16.87 1.89 5.47
CA PRO C 22 17.32 0.51 5.29
C PRO C 22 16.39 -0.53 5.92
N ASP C 23 15.57 -0.11 6.88
CA ASP C 23 14.68 -1.04 7.54
C ASP C 23 13.21 -0.90 7.17
N ALA C 24 12.93 -0.29 6.03
CA ALA C 24 11.55 -0.09 5.59
C ALA C 24 10.80 -1.43 5.44
N HIS C 25 9.57 -1.46 5.95
CA HIS C 25 8.75 -2.68 5.90
C HIS C 25 7.25 -2.35 5.92
N CYS C 26 6.43 -3.38 5.81
CA CYS C 26 4.98 -3.18 5.87
C CYS C 26 4.70 -2.92 7.34
N GLU C 27 4.02 -1.81 7.64
CA GLU C 27 3.74 -1.48 9.03
C GLU C 27 2.38 -1.95 9.57
N LEU C 28 1.64 -2.70 8.76
CA LEU C 28 0.34 -3.21 9.22
C LEU C 28 0.55 -4.50 10.00
N VAL C 29 0.03 -4.53 11.22
CA VAL C 29 0.17 -5.70 12.08
C VAL C 29 -0.75 -6.83 11.64
N HIS C 30 -0.18 -8.01 11.42
CA HIS C 30 -0.93 -9.20 11.00
C HIS C 30 -0.16 -10.46 11.32
N ARG C 31 -0.89 -11.56 11.51
CA ARG C 31 -0.27 -12.85 11.83
C ARG C 31 -0.40 -13.89 10.72
N ASN C 32 -1.27 -13.62 9.75
CA ASN C 32 -1.46 -14.54 8.63
C ASN C 32 -2.01 -13.77 7.42
N PRO C 33 -2.07 -14.43 6.23
CA PRO C 33 -2.56 -13.80 5.00
C PRO C 33 -3.97 -13.25 5.05
N PHE C 34 -4.85 -13.91 5.79
CA PHE C 34 -6.24 -13.46 5.91
C PHE C 34 -6.28 -12.16 6.70
N GLU C 35 -5.54 -12.11 7.81
CA GLU C 35 -5.50 -10.88 8.60
C GLU C 35 -4.86 -9.78 7.76
N LEU C 36 -3.87 -10.12 6.94
CA LEU C 36 -3.24 -9.09 6.13
C LEU C 36 -4.26 -8.54 5.13
N LEU C 37 -4.97 -9.43 4.47
CA LEU C 37 -5.98 -9.01 3.48
C LEU C 37 -6.98 -8.04 4.08
N ILE C 38 -7.54 -8.39 5.24
CA ILE C 38 -8.51 -7.50 5.87
C ILE C 38 -7.87 -6.16 6.23
N ALA C 39 -6.67 -6.23 6.80
CA ALA C 39 -5.96 -5.01 7.20
C ALA C 39 -5.69 -4.06 6.03
N VAL C 40 -5.26 -4.60 4.89
CA VAL C 40 -4.96 -3.77 3.74
C VAL C 40 -6.23 -3.16 3.16
N VAL C 41 -7.32 -3.93 3.17
CA VAL C 41 -8.59 -3.41 2.66
C VAL C 41 -9.00 -2.21 3.52
N LEU C 42 -8.84 -2.34 4.83
CA LEU C 42 -9.19 -1.27 5.76
C LEU C 42 -8.24 -0.08 5.61
N SER C 43 -7.00 -0.35 5.19
CA SER C 43 -5.95 0.64 5.01
C SER C 43 -6.20 1.71 3.94
N ALA C 44 -7.10 1.44 3.00
CA ALA C 44 -7.36 2.40 1.93
C ALA C 44 -7.85 3.74 2.50
N GLN C 45 -7.11 4.81 2.22
CA GLN C 45 -7.48 6.15 2.69
C GLN C 45 -7.56 6.25 4.22
N CYS C 46 -6.69 5.52 4.92
CA CYS C 46 -6.65 5.53 6.38
C CYS C 46 -5.19 5.36 6.82
N THR C 47 -4.86 5.85 8.01
CA THR C 47 -3.51 5.74 8.53
C THR C 47 -3.24 4.36 9.14
N ASP C 48 -2.00 3.90 9.03
CA ASP C 48 -1.62 2.60 9.59
C ASP C 48 -1.92 2.55 11.08
N ALA C 49 -1.57 3.63 11.77
CA ALA C 49 -1.80 3.72 13.20
C ALA C 49 -3.24 3.39 13.58
N LEU C 50 -4.20 3.97 12.88
CA LEU C 50 -5.60 3.72 13.17
C LEU C 50 -6.03 2.32 12.77
N VAL C 51 -5.46 1.80 11.69
CA VAL C 51 -5.82 0.46 11.27
C VAL C 51 -5.34 -0.55 12.32
N ASN C 52 -4.11 -0.36 12.79
CA ASN C 52 -3.54 -1.27 13.79
C ASN C 52 -4.28 -1.20 15.13
N LYS C 53 -4.73 -0.02 15.51
CA LYS C 53 -5.46 0.13 16.77
C LYS C 53 -6.78 -0.61 16.66
N VAL C 54 -7.44 -0.49 15.51
CA VAL C 54 -8.72 -1.16 15.29
C VAL C 54 -8.61 -2.67 15.15
N THR C 55 -7.69 -3.14 14.31
CA THR C 55 -7.56 -4.58 14.13
C THR C 55 -7.07 -5.28 15.39
N LYS C 56 -6.45 -4.52 16.30
CA LYS C 56 -5.98 -5.09 17.55
C LYS C 56 -7.13 -5.89 18.16
N ARG C 57 -8.29 -5.26 18.28
CA ARG C 57 -9.46 -5.93 18.83
C ARG C 57 -10.27 -6.69 17.77
N LEU C 58 -10.29 -6.17 16.54
CA LEU C 58 -11.05 -6.83 15.48
C LEU C 58 -10.57 -8.25 15.24
N PHE C 59 -9.26 -8.45 15.22
CA PHE C 59 -8.72 -9.78 14.97
C PHE C 59 -8.86 -10.74 16.14
N GLU C 60 -9.38 -10.26 17.26
CA GLU C 60 -9.61 -11.12 18.41
C GLU C 60 -11.05 -11.59 18.34
N LYS C 61 -11.92 -10.72 17.82
CA LYS C 61 -13.33 -11.02 17.67
C LYS C 61 -13.61 -11.89 16.44
N TYR C 62 -12.93 -11.57 15.35
CA TYR C 62 -13.08 -12.29 14.09
C TYR C 62 -11.76 -12.94 13.71
N ARG C 63 -11.78 -14.23 13.38
CA ARG C 63 -10.55 -14.92 13.02
C ARG C 63 -10.61 -15.63 11.67
N THR C 64 -11.83 -15.84 11.18
CA THR C 64 -12.02 -16.53 9.91
C THR C 64 -13.11 -15.84 9.10
N PRO C 65 -13.19 -16.14 7.81
CA PRO C 65 -14.23 -15.50 6.99
C PRO C 65 -15.65 -15.82 7.48
N HIS C 66 -15.84 -16.96 8.15
CA HIS C 66 -17.16 -17.32 8.65
C HIS C 66 -17.60 -16.41 9.78
N ASP C 67 -16.64 -15.88 10.53
CA ASP C 67 -16.96 -14.99 11.64
C ASP C 67 -17.51 -13.67 11.13
N TYR C 68 -16.93 -13.15 10.05
CA TYR C 68 -17.37 -11.88 9.49
C TYR C 68 -18.77 -11.92 8.88
N ILE C 69 -19.12 -13.04 8.26
CA ILE C 69 -20.44 -13.17 7.63
C ILE C 69 -21.51 -13.69 8.59
N ALA C 70 -21.12 -13.99 9.82
CA ALA C 70 -22.06 -14.50 10.82
C ALA C 70 -22.73 -13.40 11.62
N VAL C 71 -22.19 -12.19 11.55
CA VAL C 71 -22.77 -11.07 12.28
C VAL C 71 -23.55 -10.15 11.36
N PRO C 72 -24.48 -9.37 11.92
CA PRO C 72 -25.26 -8.45 11.07
C PRO C 72 -24.32 -7.37 10.54
N LEU C 73 -24.61 -6.86 9.35
CA LEU C 73 -23.78 -5.83 8.75
C LEU C 73 -23.59 -4.65 9.71
N GLU C 74 -24.67 -4.25 10.37
CA GLU C 74 -24.65 -3.13 11.31
C GLU C 74 -23.64 -3.32 12.43
N GLU C 75 -23.46 -4.56 12.86
CA GLU C 75 -22.54 -4.87 13.94
C GLU C 75 -21.09 -4.71 13.50
N LEU C 76 -20.76 -5.22 12.32
CA LEU C 76 -19.40 -5.11 11.82
C LEU C 76 -19.08 -3.64 11.54
N GLU C 77 -20.07 -2.89 11.07
CA GLU C 77 -19.88 -1.47 10.78
C GLU C 77 -19.36 -0.76 12.02
N GLN C 78 -19.98 -1.02 13.17
CA GLN C 78 -19.56 -0.38 14.41
C GLN C 78 -18.15 -0.82 14.84
N ASP C 79 -17.85 -2.10 14.62
CA ASP C 79 -16.55 -2.63 14.98
C ASP C 79 -15.38 -1.97 14.24
N ILE C 80 -15.63 -1.45 13.05
CA ILE C 80 -14.60 -0.79 12.26
C ILE C 80 -14.92 0.67 11.98
N ARG C 81 -15.88 1.22 12.71
CA ARG C 81 -16.29 2.61 12.52
C ARG C 81 -15.17 3.65 12.52
N SER C 82 -14.19 3.46 13.40
CA SER C 82 -13.08 4.41 13.51
C SER C 82 -12.14 4.48 12.30
N ILE C 83 -12.29 3.53 11.38
CA ILE C 83 -11.46 3.49 10.18
C ILE C 83 -11.95 4.53 9.16
N GLY C 84 -13.26 4.79 9.16
CA GLY C 84 -13.83 5.71 8.20
C GLY C 84 -14.25 4.85 7.02
N LEU C 85 -15.04 5.40 6.10
CA LEU C 85 -15.50 4.63 4.94
C LEU C 85 -15.98 3.27 5.42
N TYR C 86 -16.46 3.22 6.66
CA TYR C 86 -16.88 1.99 7.30
C TYR C 86 -18.12 1.27 6.75
N ARG C 87 -19.02 2.00 6.11
CA ARG C 87 -20.20 1.35 5.58
C ARG C 87 -19.81 0.52 4.36
N ASN C 88 -19.08 1.12 3.44
CA ASN C 88 -18.65 0.40 2.25
C ASN C 88 -17.66 -0.72 2.60
N LYS C 89 -16.74 -0.44 3.51
CA LYS C 89 -15.76 -1.46 3.88
C LYS C 89 -16.39 -2.66 4.56
N ALA C 90 -17.30 -2.42 5.51
CA ALA C 90 -17.97 -3.52 6.20
C ALA C 90 -18.73 -4.37 5.17
N ARG C 91 -19.44 -3.73 4.24
CA ARG C 91 -20.18 -4.47 3.23
C ARG C 91 -19.24 -5.26 2.33
N ASN C 92 -18.14 -4.63 1.92
CA ASN C 92 -17.16 -5.30 1.06
C ASN C 92 -16.52 -6.49 1.79
N ILE C 93 -16.20 -6.31 3.07
CA ILE C 93 -15.59 -7.40 3.83
C ILE C 93 -16.51 -8.62 3.91
N GLN C 94 -17.79 -8.42 4.18
CA GLN C 94 -18.70 -9.56 4.25
C GLN C 94 -18.79 -10.25 2.89
N LYS C 95 -18.85 -9.48 1.81
CA LYS C 95 -18.93 -10.05 0.47
C LYS C 95 -17.62 -10.75 0.10
N LEU C 96 -16.51 -10.17 0.54
CA LEU C 96 -15.19 -10.73 0.27
C LEU C 96 -15.05 -12.09 0.97
N CYS C 97 -15.49 -12.16 2.22
CA CYS C 97 -15.41 -13.40 2.99
C CYS C 97 -16.30 -14.50 2.40
N ALA C 98 -17.46 -14.10 1.90
CA ALA C 98 -18.37 -15.07 1.29
C ALA C 98 -17.73 -15.63 0.03
N MET C 99 -16.99 -14.80 -0.71
CA MET C 99 -16.35 -15.23 -1.95
C MET C 99 -15.18 -16.16 -1.69
N LEU C 100 -14.44 -15.92 -0.60
CA LEU C 100 -13.31 -16.79 -0.29
C LEU C 100 -13.85 -18.21 -0.06
N ILE C 101 -14.96 -18.29 0.65
CA ILE C 101 -15.59 -19.57 0.95
C ILE C 101 -16.15 -20.25 -0.31
N ASP C 102 -16.90 -19.49 -1.09
CA ASP C 102 -17.53 -20.04 -2.29
C ASP C 102 -16.63 -20.26 -3.50
N LYS C 103 -15.64 -19.40 -3.69
CA LYS C 103 -14.77 -19.50 -4.85
C LYS C 103 -13.32 -19.93 -4.62
N TYR C 104 -12.77 -19.65 -3.44
CA TYR C 104 -11.37 -19.96 -3.19
C TYR C 104 -11.05 -20.94 -2.06
N ASN C 105 -11.92 -21.92 -1.87
CA ASN C 105 -11.73 -22.96 -0.86
C ASN C 105 -11.43 -22.39 0.52
N GLY C 106 -12.10 -21.28 0.85
CA GLY C 106 -11.93 -20.64 2.14
C GLY C 106 -10.56 -20.07 2.47
N GLU C 107 -9.71 -19.95 1.47
CA GLU C 107 -8.37 -19.41 1.70
C GLU C 107 -8.06 -18.21 0.81
N VAL C 108 -7.15 -17.36 1.25
CA VAL C 108 -6.77 -16.20 0.47
C VAL C 108 -6.03 -16.69 -0.77
N PRO C 109 -6.52 -16.36 -1.97
CA PRO C 109 -5.83 -16.79 -3.18
C PRO C 109 -4.49 -16.09 -3.32
N ARG C 110 -3.51 -16.78 -3.90
CA ARG C 110 -2.17 -16.22 -4.05
C ARG C 110 -1.97 -15.49 -5.38
N ASP C 111 -3.00 -15.49 -6.22
CA ASP C 111 -2.92 -14.83 -7.51
C ASP C 111 -3.43 -13.39 -7.41
N ARG C 112 -2.67 -12.45 -7.94
CA ARG C 112 -3.02 -11.02 -7.90
C ARG C 112 -4.35 -10.74 -8.62
N ASP C 113 -4.51 -11.25 -9.84
CA ASP C 113 -5.74 -11.02 -10.57
C ASP C 113 -6.95 -11.67 -9.92
N GLU C 114 -6.73 -12.79 -9.22
CA GLU C 114 -7.84 -13.44 -8.53
C GLU C 114 -8.23 -12.59 -7.32
N LEU C 115 -7.24 -12.03 -6.63
CA LEU C 115 -7.52 -11.19 -5.47
C LEU C 115 -8.36 -9.99 -5.87
N MET C 116 -8.07 -9.42 -7.04
CA MET C 116 -8.81 -8.27 -7.53
C MET C 116 -10.28 -8.53 -7.81
N LYS C 117 -10.66 -9.81 -7.85
CA LYS C 117 -12.06 -10.14 -8.07
C LYS C 117 -12.88 -9.94 -6.79
N LEU C 118 -12.17 -9.84 -5.66
CA LEU C 118 -12.84 -9.63 -4.37
C LEU C 118 -13.28 -8.18 -4.25
N PRO C 119 -14.46 -7.94 -3.67
CA PRO C 119 -14.99 -6.58 -3.50
C PRO C 119 -14.13 -5.81 -2.49
N GLY C 120 -13.75 -4.58 -2.84
CA GLY C 120 -12.93 -3.78 -1.95
C GLY C 120 -11.44 -3.90 -2.24
N VAL C 121 -11.09 -4.85 -3.11
CA VAL C 121 -9.70 -5.09 -3.47
C VAL C 121 -9.38 -4.63 -4.89
N GLY C 122 -8.52 -3.62 -5.01
CA GLY C 122 -8.10 -3.15 -6.31
C GLY C 122 -6.66 -3.59 -6.55
N ARG C 123 -6.02 -3.00 -7.55
CA ARG C 123 -4.64 -3.39 -7.84
C ARG C 123 -3.67 -3.11 -6.69
N LYS C 124 -3.79 -1.97 -6.02
CA LYS C 124 -2.88 -1.67 -4.92
C LYS C 124 -3.00 -2.70 -3.81
N THR C 125 -4.23 -3.00 -3.40
CA THR C 125 -4.47 -3.95 -2.33
C THR C 125 -3.95 -5.33 -2.69
N ALA C 126 -4.26 -5.78 -3.90
CA ALA C 126 -3.81 -7.10 -4.34
C ALA C 126 -2.28 -7.20 -4.38
N ASN C 127 -1.62 -6.16 -4.86
CA ASN C 127 -0.16 -6.15 -4.91
C ASN C 127 0.47 -6.23 -3.52
N VAL C 128 -0.08 -5.51 -2.55
CA VAL C 128 0.48 -5.56 -1.21
C VAL C 128 0.36 -6.98 -0.67
N VAL C 129 -0.82 -7.57 -0.82
CA VAL C 129 -1.04 -8.92 -0.33
C VAL C 129 -0.12 -9.97 -0.95
N VAL C 130 -0.03 -10.02 -2.28
CA VAL C 130 0.83 -11.05 -2.88
C VAL C 130 2.30 -10.84 -2.54
N SER C 131 2.70 -9.58 -2.37
CA SER C 131 4.08 -9.26 -2.06
C SER C 131 4.45 -9.57 -0.62
N VAL C 132 3.68 -9.05 0.31
CA VAL C 132 3.96 -9.25 1.72
C VAL C 132 3.64 -10.65 2.22
N ALA C 133 2.47 -11.17 1.87
CA ALA C 133 2.06 -12.50 2.31
C ALA C 133 2.70 -13.68 1.57
N PHE C 134 2.83 -13.56 0.25
CA PHE C 134 3.35 -14.68 -0.53
C PHE C 134 4.69 -14.47 -1.23
N GLY C 135 5.36 -13.38 -0.90
CA GLY C 135 6.66 -13.09 -1.49
C GLY C 135 6.69 -12.91 -2.99
N VAL C 136 5.54 -12.66 -3.61
CA VAL C 136 5.49 -12.47 -5.05
C VAL C 136 5.91 -11.03 -5.36
N PRO C 137 6.91 -10.87 -6.24
CA PRO C 137 7.33 -9.50 -6.57
C PRO C 137 6.21 -8.66 -7.17
N ALA C 138 6.02 -7.47 -6.63
CA ALA C 138 5.00 -6.56 -7.11
C ALA C 138 5.26 -5.20 -6.51
N ILE C 139 4.79 -4.16 -7.18
CA ILE C 139 4.95 -2.80 -6.71
C ILE C 139 3.56 -2.19 -6.53
N ALA C 140 3.15 -2.01 -5.29
CA ALA C 140 1.85 -1.44 -4.97
C ALA C 140 2.00 0.07 -5.01
N VAL C 141 1.22 0.74 -5.85
CA VAL C 141 1.28 2.19 -5.95
C VAL C 141 0.13 2.85 -5.21
N ASP C 142 0.48 3.49 -4.08
CA ASP C 142 -0.46 4.18 -3.21
C ASP C 142 -0.17 5.68 -3.30
N THR C 143 -0.74 6.45 -2.37
CA THR C 143 -0.54 7.88 -2.38
C THR C 143 0.94 8.29 -2.27
N HIS C 144 1.69 7.63 -1.38
CA HIS C 144 3.10 7.96 -1.19
C HIS C 144 3.97 7.64 -2.40
N VAL C 145 3.83 6.42 -2.93
CA VAL C 145 4.61 6.03 -4.08
C VAL C 145 4.33 6.93 -5.26
N GLU C 146 3.06 7.24 -5.49
CA GLU C 146 2.69 8.11 -6.60
C GLU C 146 3.28 9.51 -6.43
N ARG C 147 3.06 10.09 -5.25
CA ARG C 147 3.56 11.44 -4.97
C ARG C 147 5.08 11.54 -5.11
N VAL C 148 5.79 10.59 -4.53
CA VAL C 148 7.25 10.59 -4.61
C VAL C 148 7.71 10.46 -6.06
N SER C 149 7.07 9.57 -6.81
CA SER C 149 7.43 9.36 -8.21
C SER C 149 7.26 10.61 -9.05
N LYS C 150 6.13 11.30 -8.86
CA LYS C 150 5.85 12.50 -9.62
C LYS C 150 6.68 13.71 -9.21
N ARG C 151 6.97 13.84 -7.93
CA ARG C 151 7.78 14.97 -7.48
C ARG C 151 9.21 14.86 -7.99
N LEU C 152 9.77 13.66 -7.89
CA LEU C 152 11.14 13.41 -8.32
C LEU C 152 11.32 13.39 -9.84
N GLY C 153 10.25 13.13 -10.56
CA GLY C 153 10.35 13.10 -12.01
C GLY C 153 10.54 11.71 -12.58
N PHE C 154 10.12 10.70 -11.82
CA PHE C 154 10.23 9.32 -12.27
C PHE C 154 9.28 9.15 -13.46
N CYS C 155 8.17 9.87 -13.41
CA CYS C 155 7.15 9.83 -14.45
C CYS C 155 6.52 11.21 -14.56
N ARG C 156 5.54 11.36 -15.45
CA ARG C 156 4.87 12.65 -15.63
C ARG C 156 3.75 12.84 -14.61
N TRP C 157 3.48 14.09 -14.24
CA TRP C 157 2.44 14.38 -13.25
C TRP C 157 1.04 13.88 -13.61
N ASP C 158 0.78 13.71 -14.90
CA ASP C 158 -0.54 13.24 -15.34
C ASP C 158 -0.64 11.72 -15.49
N ASP C 159 0.45 11.00 -15.25
CA ASP C 159 0.42 9.54 -15.37
C ASP C 159 -0.53 8.87 -14.39
N SER C 160 -1.12 7.76 -14.81
CA SER C 160 -2.03 6.99 -13.97
C SER C 160 -1.19 6.19 -12.99
N VAL C 161 -1.81 5.59 -11.98
CA VAL C 161 -1.04 4.80 -11.03
C VAL C 161 -0.50 3.55 -11.71
N LEU C 162 -1.20 3.07 -12.73
CA LEU C 162 -0.74 1.88 -13.45
C LEU C 162 0.52 2.25 -14.20
N GLU C 163 0.53 3.47 -14.75
CA GLU C 163 1.68 3.97 -15.49
C GLU C 163 2.89 4.07 -14.56
N VAL C 164 2.65 4.54 -13.34
CA VAL C 164 3.73 4.65 -12.36
C VAL C 164 4.28 3.26 -12.10
N GLU C 165 3.39 2.31 -11.88
CA GLU C 165 3.79 0.93 -11.60
C GLU C 165 4.64 0.32 -12.72
N LYS C 166 4.19 0.48 -13.96
CA LYS C 166 4.92 -0.07 -15.09
C LYS C 166 6.29 0.56 -15.25
N THR C 167 6.39 1.86 -14.98
CA THR C 167 7.67 2.56 -15.08
C THR C 167 8.67 1.97 -14.10
N LEU C 168 8.24 1.75 -12.86
CA LEU C 168 9.11 1.19 -11.85
C LEU C 168 9.50 -0.25 -12.15
N MET C 169 8.56 -1.04 -12.66
CA MET C 169 8.84 -2.43 -12.98
C MET C 169 9.93 -2.57 -14.03
N LYS C 170 10.00 -1.62 -14.95
CA LYS C 170 11.00 -1.66 -16.02
C LYS C 170 12.37 -1.14 -15.58
N ILE C 171 12.40 -0.32 -14.53
CA ILE C 171 13.66 0.24 -14.06
C ILE C 171 14.29 -0.59 -12.95
N ILE C 172 13.46 -1.28 -12.17
CA ILE C 172 13.93 -2.08 -11.05
C ILE C 172 13.90 -3.58 -11.28
N PRO C 173 14.97 -4.29 -10.89
CA PRO C 173 15.03 -5.74 -11.06
C PRO C 173 13.88 -6.36 -10.25
N LYS C 174 13.16 -7.28 -10.86
CA LYS C 174 12.04 -7.95 -10.22
C LYS C 174 12.36 -8.41 -8.79
N GLU C 175 13.60 -8.83 -8.57
CA GLU C 175 14.02 -9.29 -7.26
C GLU C 175 14.01 -8.19 -6.20
N GLU C 176 14.02 -6.95 -6.64
CA GLU C 176 14.03 -5.81 -5.71
C GLU C 176 12.72 -5.03 -5.66
N TRP C 177 11.71 -5.48 -6.38
CA TRP C 177 10.43 -4.76 -6.40
C TRP C 177 9.80 -4.54 -5.04
N SER C 178 9.65 -5.62 -4.27
CA SER C 178 9.02 -5.50 -2.96
C SER C 178 9.70 -4.56 -1.98
N ILE C 179 11.01 -4.67 -1.82
CA ILE C 179 11.70 -3.80 -0.87
C ILE C 179 11.77 -2.35 -1.35
N THR C 180 11.88 -2.14 -2.66
CA THR C 180 11.94 -0.78 -3.18
C THR C 180 10.62 -0.08 -2.91
N HIS C 181 9.53 -0.84 -3.04
CA HIS C 181 8.18 -0.33 -2.79
C HIS C 181 8.11 0.18 -1.34
N HIS C 182 8.55 -0.63 -0.40
CA HIS C 182 8.54 -0.24 1.01
C HIS C 182 9.43 0.96 1.28
N ARG C 183 10.60 1.00 0.63
CA ARG C 183 11.51 2.11 0.81
C ARG C 183 10.89 3.41 0.30
N MET C 184 10.16 3.33 -0.81
CA MET C 184 9.52 4.50 -1.37
C MET C 184 8.39 4.99 -0.46
N ILE C 185 7.65 4.06 0.13
CA ILE C 185 6.57 4.43 1.03
C ILE C 185 7.12 5.14 2.26
N PHE C 186 8.20 4.62 2.81
CA PHE C 186 8.81 5.25 3.97
C PHE C 186 9.34 6.63 3.61
N PHE C 187 9.97 6.73 2.44
CA PHE C 187 10.52 8.01 1.98
C PHE C 187 9.41 9.05 1.94
N GLY C 188 8.25 8.68 1.38
CA GLY C 188 7.16 9.62 1.30
C GLY C 188 6.45 9.85 2.63
N ARG C 189 6.33 8.79 3.43
CA ARG C 189 5.64 8.91 4.71
C ARG C 189 6.40 9.73 5.74
N TYR C 190 7.70 9.51 5.80
CA TYR C 190 8.54 10.19 6.79
C TYR C 190 9.47 11.29 6.31
N HIS C 191 9.65 11.43 5.01
CA HIS C 191 10.55 12.46 4.49
C HIS C 191 9.91 13.38 3.47
N CYS C 192 9.56 12.82 2.32
CA CYS C 192 8.91 13.59 1.25
C CYS C 192 7.41 13.64 1.53
N LYS C 193 7.06 14.15 2.70
CA LYS C 193 5.67 14.23 3.11
C LYS C 193 4.81 15.11 2.22
N ALA C 194 3.51 14.81 2.19
CA ALA C 194 2.58 15.57 1.38
C ALA C 194 2.53 17.05 1.77
N GLN C 195 2.39 17.33 3.07
CA GLN C 195 2.32 18.70 3.55
C GLN C 195 3.67 19.32 3.91
N SER C 196 4.56 18.54 4.51
CA SER C 196 5.86 19.08 4.89
C SER C 196 7.09 18.34 4.40
N PRO C 197 7.39 18.38 3.09
CA PRO C 197 8.58 17.66 2.61
C PRO C 197 9.86 18.26 3.20
N GLN C 198 10.83 17.41 3.53
CA GLN C 198 12.09 17.85 4.12
C GLN C 198 13.15 18.16 3.06
N CYS C 199 12.77 18.97 2.08
CA CYS C 199 13.64 19.36 0.98
C CYS C 199 15.03 19.88 1.39
N PRO C 200 15.08 20.86 2.31
CA PRO C 200 16.34 21.43 2.77
C PRO C 200 17.44 20.43 3.11
N SER C 201 17.06 19.30 3.68
CA SER C 201 18.01 18.27 4.07
C SER C 201 17.91 17.02 3.19
N CYS C 202 17.27 17.13 2.04
CA CYS C 202 17.09 15.98 1.17
C CYS C 202 18.29 15.69 0.27
N PRO C 203 18.78 14.44 0.29
CA PRO C 203 19.92 13.97 -0.51
C PRO C 203 19.63 13.96 -2.01
N LEU C 204 18.36 14.16 -2.37
CA LEU C 204 17.98 14.15 -3.78
C LEU C 204 17.58 15.53 -4.28
N LEU C 205 17.70 16.53 -3.41
CA LEU C 205 17.37 17.90 -3.77
C LEU C 205 18.10 18.32 -5.05
N HIS C 206 19.34 17.86 -5.20
CA HIS C 206 20.17 18.21 -6.37
C HIS C 206 19.64 17.77 -7.73
N LEU C 207 18.59 16.97 -7.74
CA LEU C 207 18.01 16.53 -9.01
C LEU C 207 16.49 16.57 -9.00
N CYS C 208 15.91 17.08 -7.92
CA CYS C 208 14.45 17.13 -7.80
C CYS C 208 13.82 18.43 -8.28
N ARG C 209 12.93 18.31 -9.28
CA ARG C 209 12.23 19.46 -9.83
C ARG C 209 11.32 20.10 -8.80
N GLU C 210 10.67 19.26 -8.01
CA GLU C 210 9.75 19.72 -6.97
C GLU C 210 10.51 20.40 -5.82
N GLY C 211 11.60 19.77 -5.39
CA GLY C 211 12.40 20.32 -4.31
C GLY C 211 12.98 21.70 -4.65
N LYS C 212 13.61 21.81 -5.81
CA LYS C 212 14.18 23.08 -6.23
C LYS C 212 13.11 24.16 -6.36
N LYS C 213 11.91 23.73 -6.77
CA LYS C 213 10.78 24.66 -6.93
C LYS C 213 10.30 25.16 -5.58
N ARG C 214 10.37 24.32 -4.56
CA ARG C 214 9.94 24.70 -3.21
C ARG C 214 11.01 25.54 -2.52
N MET C 215 12.28 25.15 -2.70
CA MET C 215 13.38 25.88 -2.09
C MET C 215 13.42 27.32 -2.59
N ARG C 216 13.15 27.49 -3.89
CA ARG C 216 13.14 28.82 -4.49
C ARG C 216 12.03 29.65 -3.87
N LYS C 217 11.10 28.98 -3.20
CA LYS C 217 10.00 29.67 -2.55
C LYS C 217 10.00 29.45 -1.05
#